data_3LXN
#
_entry.id   3LXN
#
_cell.length_a   36.306
_cell.length_b   74.262
_cell.length_c   106.460
_cell.angle_alpha   90.00
_cell.angle_beta   90.00
_cell.angle_gamma   90.00
#
_symmetry.space_group_name_H-M   'P 21 21 21'
#
loop_
_entity.id
_entity.type
_entity.pdbx_description
1 polymer 'Non-receptor tyrosine-protein kinase TYK2'
2 non-polymer 3-{(3R,4R)-4-methyl-3-[methyl(7H-pyrrolo[2,3-d]pyrimidin-4-yl)amino]piperidin-1-yl}-3-oxopropanenitrile
3 water water
#
_entity_poly.entity_id   1
_entity_poly.type   'polypeptide(L)'
_entity_poly.pdbx_seq_one_letter_code
;MAHHHHHHHHHHGALEVLFQGPGDPTVFHKRYLKKIRDLGEGHFGKVSLYCYDPTNDGTGEMVAVKALKADAGPQHRSGW
KQEIDILRTLYHEHIIKYKGCCEDAGAASLQLVMEYVPLGSLRDYLPRHSIGLAQLLLFAQQICEGMAYLHAQHYIHRDL
AARNVLLDNDRLVKIGDFGLAKAVPEGHE(PTR)YRVREDGDSPVFWYAPECLKEYKFYYASDVWSFGVTLYELLTHCDS
SQSPPTKFLELIGIAQGQMTVLRLTELLERGERLPRPDKCPAEVYHLMKNCWETEASFRPTFENLIPILKTVHEKYQGQA
PS
;
_entity_poly.pdbx_strand_id   A
#
loop_
_chem_comp.id
_chem_comp.type
_chem_comp.name
_chem_comp.formula
MI1 non-polymer 3-{(3R,4R)-4-methyl-3-[methyl(7H-pyrrolo[2,3-d]pyrimidin-4-yl)amino]piperidin-1-yl}-3-oxopropanenitrile 'C16 H20 N6 O'
#
# COMPACT_ATOMS: atom_id res chain seq x y z
N ASP A 24 1.57 18.74 14.00
CA ASP A 24 0.54 19.10 12.99
C ASP A 24 -0.77 18.35 13.19
N PRO A 25 -1.91 18.98 12.84
CA PRO A 25 -2.39 20.32 13.09
C PRO A 25 -3.70 20.34 13.90
N THR A 26 -4.78 19.92 13.23
CA THR A 26 -6.14 20.24 13.60
C THR A 26 -6.69 19.18 14.55
N VAL A 27 -7.54 19.62 15.48
CA VAL A 27 -8.21 18.69 16.37
C VAL A 27 -9.70 18.66 16.04
N PHE A 28 -10.18 17.48 15.65
CA PHE A 28 -11.59 17.26 15.37
C PHE A 28 -12.24 16.80 16.66
N HIS A 29 -13.36 17.41 17.03
CA HIS A 29 -14.07 17.06 18.25
C HIS A 29 -15.07 15.98 17.95
N LYS A 30 -15.00 14.89 18.71
CA LYS A 30 -15.81 13.70 18.43
C LYS A 30 -17.30 13.98 18.58
N ARG A 31 -17.67 15.06 19.25
CA ARG A 31 -19.07 15.43 19.42
C ARG A 31 -19.73 15.84 18.11
N TYR A 32 -18.93 16.23 17.12
CA TYR A 32 -19.44 16.62 15.80
C TYR A 32 -19.27 15.52 14.72
N LEU A 33 -18.64 14.41 15.11
CA LEU A 33 -18.37 13.30 14.20
C LEU A 33 -19.56 12.35 14.16
N LYS A 34 -20.18 12.23 12.98
CA LYS A 34 -21.31 11.31 12.80
C LYS A 34 -20.88 10.13 11.93
N LYS A 35 -20.94 8.92 12.49
CA LYS A 35 -20.53 7.73 11.79
C LYS A 35 -21.54 7.43 10.69
N ILE A 36 -21.05 7.09 9.49
CA ILE A 36 -21.89 6.72 8.34
C ILE A 36 -21.76 5.24 7.96
N ARG A 37 -20.54 4.73 7.84
CA ARG A 37 -20.16 3.64 6.97
C ARG A 37 -18.80 3.10 7.45
N ASP A 38 -18.58 1.78 7.49
CA ASP A 38 -17.24 1.20 7.61
C ASP A 38 -16.60 1.16 6.24
N LEU A 39 -15.35 1.58 6.13
CA LEU A 39 -14.63 1.59 4.86
C LEU A 39 -13.62 0.46 4.74
N GLY A 40 -13.17 -0.06 5.88
CA GLY A 40 -12.14 -1.09 5.87
C GLY A 40 -11.61 -1.53 7.22
N GLU A 41 -10.63 -2.40 7.19
CA GLU A 41 -10.02 -3.03 8.35
C GLU A 41 -8.66 -3.53 7.90
N GLY A 42 -7.62 -3.16 8.58
CA GLY A 42 -6.25 -3.32 8.06
C GLY A 42 -5.26 -4.15 8.85
N HIS A 43 -4.70 -3.58 9.91
CA HIS A 43 -3.86 -4.37 10.84
C HIS A 43 -4.45 -4.67 12.23
N PHE A 44 -4.40 -3.69 13.13
CA PHE A 44 -5.25 -3.73 14.32
C PHE A 44 -6.12 -2.48 14.33
N GLY A 45 -6.40 -1.95 13.13
CA GLY A 45 -7.25 -0.78 13.01
C GLY A 45 -8.48 -1.00 12.14
N LYS A 46 -9.45 -0.11 12.29
CA LYS A 46 -10.57 -0.02 11.36
C LYS A 46 -10.59 1.41 10.81
N VAL A 47 -10.82 1.57 9.50
CA VAL A 47 -11.06 2.88 8.91
C VAL A 47 -12.55 3.04 8.66
N SER A 48 -13.12 4.15 9.14
CA SER A 48 -14.56 4.41 9.02
C SER A 48 -14.85 5.78 8.38
N LEU A 49 -15.99 5.88 7.72
CA LEU A 49 -16.45 7.14 7.13
C LEU A 49 -17.31 7.88 8.15
N TYR A 50 -16.92 9.10 8.47
CA TYR A 50 -17.72 10.00 9.29
C TYR A 50 -18.04 11.28 8.53
N CYS A 51 -19.15 11.91 8.92
CA CYS A 51 -19.46 13.27 8.53
C CYS A 51 -19.08 14.13 9.73
N TYR A 52 -18.22 15.13 9.53
CA TYR A 52 -17.86 16.07 10.60
C TYR A 52 -18.71 17.31 10.46
N ASP A 53 -19.67 17.45 11.36
CA ASP A 53 -20.72 18.46 11.20
C ASP A 53 -20.89 19.37 12.43
N PRO A 54 -19.96 20.32 12.62
CA PRO A 54 -20.08 21.32 13.68
C PRO A 54 -21.42 22.06 13.66
N THR A 55 -21.81 22.61 12.51
CA THR A 55 -23.04 23.39 12.41
C THR A 55 -24.32 22.53 12.35
N ASN A 56 -24.18 21.21 12.53
CA ASN A 56 -25.32 20.29 12.52
C ASN A 56 -26.15 20.41 11.23
N ASP A 57 -25.52 20.87 10.15
CA ASP A 57 -26.26 21.13 8.90
C ASP A 57 -26.45 20.21 7.71
N GLY A 58 -25.60 19.17 7.69
CA GLY A 58 -25.35 18.36 6.52
C GLY A 58 -24.38 19.02 5.53
N THR A 59 -23.96 20.26 5.83
CA THR A 59 -22.96 20.95 5.01
C THR A 59 -21.58 20.33 5.27
N GLY A 60 -21.49 19.61 6.39
CA GLY A 60 -20.22 19.14 6.93
C GLY A 60 -19.41 18.24 6.03
N GLU A 61 -18.13 18.11 6.36
CA GLU A 61 -17.18 17.42 5.50
C GLU A 61 -17.15 15.93 5.82
N MET A 62 -17.04 15.12 4.77
CA MET A 62 -16.83 13.69 4.93
C MET A 62 -15.33 13.41 5.14
N VAL A 63 -15.02 12.57 6.13
CA VAL A 63 -13.64 12.24 6.46
C VAL A 63 -13.51 10.76 6.76
N ALA A 64 -12.35 10.21 6.44
CA ALA A 64 -12.04 8.82 6.73
C ALA A 64 -11.23 8.82 8.01
N VAL A 65 -11.62 7.97 8.96
CA VAL A 65 -11.08 7.99 10.32
C VAL A 65 -10.56 6.62 10.71
N LYS A 66 -9.27 6.54 10.99
CA LYS A 66 -8.63 5.29 11.39
C LYS A 66 -8.44 5.23 12.90
N ALA A 67 -8.84 4.11 13.49
CA ALA A 67 -8.79 3.91 14.94
C ALA A 67 -8.11 2.61 15.28
N LEU A 68 -7.49 2.57 16.46
CA LEU A 68 -6.89 1.34 16.97
C LEU A 68 -7.99 0.41 17.47
N LYS A 69 -7.91 -0.88 17.08
CA LYS A 69 -9.04 -1.83 17.20
C LYS A 69 -9.60 -1.98 18.60
N ALA A 70 -10.68 -2.75 18.69
CA ALA A 70 -11.51 -2.83 19.91
C ALA A 70 -10.81 -3.45 21.13
N ASP A 71 -9.67 -4.12 20.89
CA ASP A 71 -8.74 -4.51 21.95
C ASP A 71 -7.36 -4.61 21.32
N ALA A 72 -6.33 -4.18 22.05
CA ALA A 72 -4.96 -4.20 21.52
C ALA A 72 -3.92 -3.97 22.62
N GLY A 73 -2.78 -4.65 22.48
CA GLY A 73 -1.74 -4.68 23.50
C GLY A 73 -0.62 -3.70 23.23
N PRO A 74 0.43 -3.73 24.05
CA PRO A 74 1.53 -2.76 23.97
C PRO A 74 2.27 -2.70 22.63
N GLN A 75 2.41 -3.83 21.94
CA GLN A 75 3.07 -3.84 20.62
C GLN A 75 2.22 -3.08 19.63
N HIS A 76 0.93 -3.41 19.59
CA HIS A 76 -0.03 -2.70 18.75
C HIS A 76 -0.02 -1.19 19.03
N ARG A 77 -0.02 -0.81 20.30
CA ARG A 77 -0.11 0.60 20.71
C ARG A 77 1.15 1.42 20.40
N SER A 78 2.33 0.84 20.63
CA SER A 78 3.58 1.54 20.29
C SER A 78 3.71 1.73 18.78
N GLY A 79 3.29 0.74 18.01
CA GLY A 79 3.14 0.88 16.57
C GLY A 79 2.19 2.01 16.17
N TRP A 80 1.03 2.05 16.80
CA TRP A 80 0.03 3.07 16.48
C TRP A 80 0.57 4.48 16.67
N LYS A 81 1.32 4.72 17.72
CA LYS A 81 1.95 6.01 17.90
C LYS A 81 2.95 6.34 16.88
N GLN A 82 3.68 5.35 16.44
CA GLN A 82 4.60 5.52 15.32
C GLN A 82 3.87 5.83 14.03
N GLU A 83 2.76 5.14 13.77
CA GLU A 83 1.99 5.39 12.54
C GLU A 83 1.48 6.84 12.48
N ILE A 84 0.91 7.30 13.59
CA ILE A 84 0.41 8.67 13.71
C ILE A 84 1.52 9.67 13.40
N ASP A 85 2.69 9.49 14.00
CA ASP A 85 3.82 10.41 13.78
C ASP A 85 4.30 10.40 12.32
N ILE A 86 4.37 9.23 11.69
CA ILE A 86 4.78 9.14 10.27
C ILE A 86 3.80 9.88 9.36
N LEU A 87 2.51 9.60 9.53
CA LEU A 87 1.48 10.24 8.74
C LEU A 87 1.31 11.74 9.06
N ARG A 88 1.77 12.14 10.26
CA ARG A 88 1.85 13.56 10.63
C ARG A 88 2.89 14.33 9.81
N THR A 89 3.96 13.65 9.41
CA THR A 89 5.07 14.35 8.74
C THR A 89 5.11 14.17 7.22
N LEU A 90 4.30 13.29 6.67
CA LEU A 90 4.15 13.16 5.21
C LEU A 90 3.22 14.06 4.43
N TYR A 91 3.73 14.59 3.36
CA TYR A 91 2.97 15.59 2.63
C TYR A 91 3.32 15.52 1.17
N HIS A 92 2.39 15.02 0.36
CA HIS A 92 2.67 14.75 -1.05
C HIS A 92 1.40 14.57 -1.85
N GLU A 93 1.49 14.91 -3.13
CA GLU A 93 0.41 14.81 -4.11
C GLU A 93 -0.25 13.42 -4.12
N HIS A 94 0.56 12.37 -3.95
CA HIS A 94 0.08 10.99 -4.04
C HIS A 94 0.19 10.22 -2.74
N ILE A 95 0.03 10.94 -1.63
CA ILE A 95 -0.13 10.34 -0.31
C ILE A 95 -1.44 10.91 0.25
N ILE A 96 -2.32 10.02 0.70
CA ILE A 96 -3.54 10.43 1.38
C ILE A 96 -3.26 11.64 2.30
N LYS A 97 -4.10 12.67 2.18
CA LYS A 97 -3.99 13.88 2.99
C LYS A 97 -4.35 13.63 4.46
N TYR A 98 -3.42 13.92 5.36
CA TYR A 98 -3.66 13.88 6.79
C TYR A 98 -4.37 15.15 7.21
N LYS A 99 -5.53 15.01 7.86
CA LYS A 99 -6.36 16.17 8.21
C LYS A 99 -6.22 16.56 9.67
N GLY A 100 -6.04 15.57 10.54
CA GLY A 100 -5.90 15.83 11.95
C GLY A 100 -6.14 14.61 12.81
N CYS A 101 -6.25 14.83 14.11
CA CYS A 101 -6.48 13.76 15.06
C CYS A 101 -7.76 14.02 15.81
N CYS A 102 -8.15 13.04 16.59
CA CYS A 102 -9.36 13.09 17.37
C CYS A 102 -9.07 12.34 18.65
N GLU A 103 -9.20 13.01 19.79
CA GLU A 103 -9.05 12.34 21.08
C GLU A 103 -10.11 11.26 21.13
N ASP A 104 -9.70 10.02 21.42
CA ASP A 104 -10.63 8.92 21.66
C ASP A 104 -10.33 8.26 22.97
N ALA A 105 -11.25 8.44 23.90
CA ALA A 105 -10.94 8.21 25.29
C ALA A 105 -11.51 6.96 25.96
N GLY A 106 -12.55 6.32 25.43
CA GLY A 106 -12.48 5.41 24.32
C GLY A 106 -11.59 4.22 24.45
N ALA A 107 -10.46 4.35 23.81
CA ALA A 107 -9.58 3.27 23.54
C ALA A 107 -8.39 3.66 24.22
N ALA A 108 -8.43 4.85 24.82
CA ALA A 108 -7.30 5.65 25.21
C ALA A 108 -6.12 5.89 24.29
N SER A 109 -6.38 6.41 23.13
CA SER A 109 -5.45 6.85 22.07
C SER A 109 -6.15 7.83 21.13
N LEU A 110 -5.41 8.32 20.16
CA LEU A 110 -5.95 9.21 19.15
C LEU A 110 -6.60 8.40 18.03
N GLN A 111 -7.51 9.04 17.29
CA GLN A 111 -7.96 8.52 16.01
C GLN A 111 -7.33 9.39 14.95
N LEU A 112 -6.99 8.78 13.83
CA LEU A 112 -6.29 9.43 12.74
C LEU A 112 -7.33 9.83 11.71
N VAL A 113 -7.42 11.13 11.41
CA VAL A 113 -8.41 11.63 10.47
C VAL A 113 -7.74 12.00 9.18
N MET A 114 -8.34 11.59 8.05
CA MET A 114 -7.78 11.80 6.71
C MET A 114 -8.89 12.18 5.75
N GLU A 115 -8.53 12.66 4.56
CA GLU A 115 -9.53 12.92 3.51
C GLU A 115 -10.16 11.61 3.11
N TYR A 116 -11.43 11.69 2.71
CA TYR A 116 -12.19 10.54 2.24
C TYR A 116 -12.16 10.54 0.74
N VAL A 117 -11.60 9.49 0.14
CA VAL A 117 -11.64 9.32 -1.32
C VAL A 117 -12.71 8.26 -1.66
N PRO A 118 -13.87 8.72 -2.16
CA PRO A 118 -15.09 7.90 -2.31
C PRO A 118 -15.07 6.75 -3.32
N LEU A 119 -14.20 6.83 -4.32
CA LEU A 119 -14.02 5.69 -5.25
C LEU A 119 -13.34 4.49 -4.57
N GLY A 120 -12.62 4.73 -3.47
CA GLY A 120 -12.03 3.65 -2.68
C GLY A 120 -10.77 3.05 -3.30
N SER A 121 -10.41 1.85 -2.88
CA SER A 121 -9.15 1.26 -3.33
C SER A 121 -9.24 0.68 -4.72
N LEU A 122 -8.08 0.59 -5.39
CA LEU A 122 -7.96 -0.04 -6.72
C LEU A 122 -8.36 -1.50 -6.68
N ARG A 123 -8.13 -2.12 -5.56
CA ARG A 123 -8.58 -3.43 -5.36
C ARG A 123 -10.11 -3.65 -5.36
N ASP A 124 -10.82 -2.74 -4.78
CA ASP A 124 -12.28 -2.77 -4.85
C ASP A 124 -12.79 -2.19 -6.17
N TYR A 125 -12.03 -1.30 -6.78
CA TYR A 125 -12.47 -0.56 -7.96
C TYR A 125 -12.25 -1.29 -9.31
N LEU A 126 -11.01 -1.72 -9.55
CA LEU A 126 -10.62 -2.27 -10.86
C LEU A 126 -11.41 -3.50 -11.32
N PRO A 127 -11.75 -4.45 -10.41
CA PRO A 127 -12.60 -5.60 -10.80
C PRO A 127 -13.98 -5.27 -11.36
N ARG A 128 -14.46 -4.04 -11.14
CA ARG A 128 -15.78 -3.60 -11.59
C ARG A 128 -15.73 -2.52 -12.68
N HIS A 129 -14.55 -2.01 -13.04
CA HIS A 129 -14.44 -0.94 -14.04
C HIS A 129 -13.34 -1.26 -15.03
N SER A 130 -13.69 -1.46 -16.29
CA SER A 130 -12.72 -1.75 -17.34
C SER A 130 -11.87 -0.50 -17.59
N ILE A 131 -10.69 -0.47 -16.99
CA ILE A 131 -9.76 0.65 -17.17
C ILE A 131 -8.75 0.27 -18.24
N GLY A 132 -8.40 1.20 -19.11
CA GLY A 132 -7.42 0.94 -20.17
C GLY A 132 -5.99 0.91 -19.67
N LEU A 133 -5.08 0.40 -20.50
CA LEU A 133 -3.66 0.27 -20.16
C LEU A 133 -3.01 1.58 -19.77
N ALA A 134 -3.27 2.63 -20.53
CA ALA A 134 -2.60 3.91 -20.34
C ALA A 134 -2.88 4.47 -18.92
N GLN A 135 -4.10 4.26 -18.43
CA GLN A 135 -4.48 4.76 -17.11
C GLN A 135 -3.77 3.94 -16.03
N LEU A 136 -3.68 2.63 -16.22
CA LEU A 136 -2.98 1.76 -15.27
C LEU A 136 -1.51 2.22 -15.08
N LEU A 137 -0.83 2.50 -16.19
CA LEU A 137 0.57 2.97 -16.17
C LEU A 137 0.71 4.35 -15.54
N LEU A 138 -0.26 5.18 -15.76
CA LEU A 138 -0.30 6.39 -15.04
C LEU A 138 -0.39 6.22 -13.53
N PHE A 139 -1.24 5.34 -13.07
CA PHE A 139 -1.32 4.99 -11.65
C PHE A 139 0.02 4.43 -11.14
N ALA A 140 0.64 3.55 -11.93
CA ALA A 140 1.94 2.99 -11.59
C ALA A 140 2.98 4.09 -11.43
N GLN A 141 3.02 5.01 -12.40
CA GLN A 141 3.92 6.18 -12.33
C GLN A 141 3.68 6.92 -11.04
N GLN A 142 2.40 7.16 -10.73
CA GLN A 142 2.03 7.90 -9.55
C GLN A 142 2.38 7.19 -8.25
N ILE A 143 2.17 5.88 -8.19
CA ILE A 143 2.57 5.10 -7.02
C ILE A 143 4.08 5.23 -6.77
N CYS A 144 4.89 5.15 -7.82
CA CYS A 144 6.34 5.36 -7.68
C CYS A 144 6.72 6.73 -7.17
N GLU A 145 6.07 7.77 -7.66
CA GLU A 145 6.25 9.08 -7.15
C GLU A 145 6.04 9.25 -5.66
N GLY A 146 4.96 8.69 -5.18
CA GLY A 146 4.67 8.68 -3.75
C GLY A 146 5.69 7.86 -2.98
N MET A 147 6.13 6.77 -3.58
CA MET A 147 7.11 5.88 -2.93
C MET A 147 8.52 6.47 -2.91
N ALA A 148 8.90 7.20 -3.95
CA ALA A 148 10.19 7.91 -3.98
C ALA A 148 10.20 8.96 -2.87
N TYR A 149 9.14 9.75 -2.81
CA TYR A 149 9.01 10.72 -1.75
C TYR A 149 9.16 10.08 -0.38
N LEU A 150 8.49 8.97 -0.19
CA LEU A 150 8.49 8.28 1.05
C LEU A 150 9.87 7.75 1.44
N HIS A 151 10.57 7.23 0.45
CA HIS A 151 11.96 6.83 0.60
C HIS A 151 12.88 8.04 0.81
N ALA A 152 12.61 9.14 0.13
CA ALA A 152 13.35 10.40 0.36
C ALA A 152 13.33 10.78 1.84
N GLN A 153 12.17 10.59 2.48
CA GLN A 153 11.96 10.94 3.89
C GLN A 153 12.41 9.84 4.83
N HIS A 154 12.99 8.77 4.32
CA HIS A 154 13.48 7.63 5.06
C HIS A 154 12.58 6.70 5.67
N TYR A 155 11.58 6.36 4.96
CA TYR A 155 10.65 5.34 5.46
C TYR A 155 10.53 4.18 4.47
N ILE A 156 10.18 3.02 5.00
CA ILE A 156 9.76 1.91 4.15
C ILE A 156 8.29 1.67 4.44
N HIS A 157 7.56 1.24 3.42
CA HIS A 157 6.12 1.07 3.52
C HIS A 157 5.77 -0.31 4.06
N ARG A 158 6.39 -1.33 3.48
CA ARG A 158 6.27 -2.72 3.91
C ARG A 158 4.93 -3.39 3.63
N ASP A 159 4.04 -2.71 2.92
CA ASP A 159 2.69 -3.22 2.72
C ASP A 159 2.08 -2.64 1.43
N LEU A 160 2.93 -2.44 0.42
CA LEU A 160 2.51 -1.85 -0.84
C LEU A 160 1.76 -2.88 -1.65
N ALA A 161 0.47 -2.64 -1.82
CA ALA A 161 -0.44 -3.54 -2.52
C ALA A 161 -1.64 -2.71 -2.99
N ALA A 162 -2.37 -3.21 -3.99
CA ALA A 162 -3.45 -2.44 -4.61
C ALA A 162 -4.53 -2.06 -3.64
N ARG A 163 -4.74 -2.85 -2.61
CA ARG A 163 -5.73 -2.54 -1.57
C ARG A 163 -5.39 -1.31 -0.72
N ASN A 164 -4.13 -0.84 -0.80
CA ASN A 164 -3.69 0.35 -0.08
C ASN A 164 -3.47 1.52 -1.03
N VAL A 165 -3.90 1.37 -2.28
CA VAL A 165 -3.87 2.51 -3.20
C VAL A 165 -5.29 2.98 -3.47
N LEU A 166 -5.50 4.27 -3.24
CA LEU A 166 -6.83 4.89 -3.33
C LEU A 166 -6.96 5.67 -4.64
N LEU A 167 -8.11 5.54 -5.27
CA LEU A 167 -8.41 6.21 -6.53
C LEU A 167 -9.22 7.45 -6.21
N ASP A 168 -8.58 8.60 -6.23
CA ASP A 168 -9.25 9.88 -6.06
C ASP A 168 -10.05 10.38 -7.22
N ASN A 169 -9.48 10.25 -8.39
CA ASN A 169 -10.24 10.22 -9.61
C ASN A 169 -9.22 9.73 -10.56
N ASP A 170 -9.59 8.87 -11.46
CA ASP A 170 -9.50 9.11 -12.90
C ASP A 170 -8.07 9.18 -13.33
N ARG A 171 -7.37 10.14 -12.80
CA ARG A 171 -6.12 10.51 -13.31
C ARG A 171 -5.29 10.77 -12.07
N LEU A 172 -5.75 10.21 -10.97
CA LEU A 172 -5.11 10.38 -9.67
C LEU A 172 -5.20 9.28 -8.60
N VAL A 173 -4.10 8.72 -8.21
CA VAL A 173 -4.10 7.77 -7.10
C VAL A 173 -3.26 8.26 -5.94
N LYS A 174 -3.56 7.74 -4.77
CA LYS A 174 -2.83 8.09 -3.56
C LYS A 174 -2.55 6.81 -2.81
N ILE A 175 -1.41 6.76 -2.14
CA ILE A 175 -1.09 5.68 -1.21
C ILE A 175 -1.83 6.01 0.09
N GLY A 176 -2.63 5.08 0.59
CA GLY A 176 -3.65 5.41 1.59
C GLY A 176 -3.56 4.79 2.96
N ASP A 177 -2.49 4.06 3.20
CA ASP A 177 -2.24 3.37 4.44
C ASP A 177 -0.76 3.18 4.80
N PHE A 178 -0.41 3.37 6.06
CA PHE A 178 0.98 3.32 6.52
C PHE A 178 1.19 2.39 7.73
N GLY A 179 0.19 1.57 8.02
CA GLY A 179 0.21 0.68 9.17
C GLY A 179 1.42 -0.19 9.45
N LEU A 180 2.16 -0.56 8.41
CA LEU A 180 3.41 -1.31 8.57
C LEU A 180 4.64 -0.43 8.32
N ALA A 181 4.46 0.87 8.02
CA ALA A 181 5.59 1.72 7.66
C ALA A 181 6.55 1.96 8.86
N LYS A 182 7.84 2.09 8.53
CA LYS A 182 8.90 2.20 9.53
C LYS A 182 9.96 3.15 9.04
N ALA A 183 10.55 3.91 9.96
CA ALA A 183 11.77 4.66 9.69
C ALA A 183 12.94 3.69 9.56
N VAL A 184 13.84 3.98 8.63
CA VAL A 184 15.08 3.24 8.49
C VAL A 184 16.11 3.87 9.41
N PRO A 185 16.65 3.09 10.37
CA PRO A 185 17.69 3.59 11.29
C PRO A 185 18.78 4.38 10.55
N GLU A 186 18.97 5.63 10.93
CA GLU A 186 19.81 6.58 10.17
C GLU A 186 21.23 6.09 9.74
N GLY A 187 21.75 5.07 10.43
CA GLY A 187 23.02 4.45 10.03
C GLY A 187 22.88 3.04 9.51
N HIS A 188 21.80 2.76 8.77
CA HIS A 188 21.52 1.42 8.24
C HIS A 188 20.92 1.48 6.83
N GLU A 189 20.99 0.35 6.12
CA GLU A 189 20.44 0.22 4.76
C GLU A 189 19.06 -0.47 4.75
N PTR A 190 18.66 -1.06 5.88
CA PTR A 190 17.50 -1.93 6.01
C PTR A 190 16.84 -1.71 7.36
O PTR A 190 17.35 -1.00 8.10
CB PTR A 190 17.74 -3.45 5.85
CG PTR A 190 18.85 -3.97 6.71
CD1 PTR A 190 20.15 -3.87 6.30
CD2 PTR A 190 18.60 -4.53 7.94
CE1 PTR A 190 21.17 -4.31 7.09
CE2 PTR A 190 19.63 -4.98 8.72
CZ PTR A 190 20.92 -4.87 8.29
OH PTR A 190 21.88 -5.23 8.94
P PTR A 190 22.71 -4.33 9.99
O1P PTR A 190 22.43 -4.65 11.37
O2P PTR A 190 22.58 -2.83 9.85
O3P PTR A 190 24.17 -4.54 9.70
N TYR A 191 15.69 -2.34 7.60
CA TYR A 191 15.05 -2.48 8.90
C TYR A 191 14.71 -3.94 9.14
N ARG A 192 15.03 -4.44 10.33
CA ARG A 192 14.77 -5.84 10.68
C ARG A 192 13.36 -6.05 11.21
N VAL A 193 12.60 -6.91 10.51
CA VAL A 193 11.29 -7.39 10.97
C VAL A 193 11.50 -8.61 11.86
N GLY A 197 2.02 -14.57 11.83
CA GLY A 197 2.23 -13.15 11.65
C GLY A 197 1.26 -12.54 10.66
N ASP A 198 1.19 -11.26 10.56
CA ASP A 198 0.32 -10.58 9.64
C ASP A 198 0.96 -10.19 8.32
N SER A 199 2.15 -10.65 8.08
CA SER A 199 2.96 -10.15 6.96
C SER A 199 2.32 -10.54 5.63
N PRO A 200 2.18 -9.57 4.70
CA PRO A 200 1.68 -9.90 3.37
C PRO A 200 2.79 -10.58 2.59
N VAL A 201 3.07 -11.83 2.92
CA VAL A 201 4.24 -12.54 2.39
C VAL A 201 4.21 -12.70 0.85
N PHE A 202 3.04 -12.83 0.25
CA PHE A 202 2.93 -12.94 -1.21
C PHE A 202 3.28 -11.65 -1.97
N TRP A 203 3.59 -10.57 -1.26
CA TRP A 203 4.13 -9.32 -1.87
C TRP A 203 5.61 -9.06 -1.52
N TYR A 204 6.25 -10.01 -0.85
CA TYR A 204 7.58 -9.80 -0.26
C TYR A 204 8.74 -10.44 -1.03
N ALA A 205 9.87 -9.72 -1.09
CA ALA A 205 11.09 -10.26 -1.70
C ALA A 205 11.68 -11.39 -0.86
N PRO A 206 12.46 -12.28 -1.48
CA PRO A 206 13.16 -13.34 -0.76
C PRO A 206 13.93 -12.89 0.50
N GLU A 207 14.64 -11.77 0.44
CA GLU A 207 15.40 -11.32 1.62
C GLU A 207 14.52 -11.02 2.84
N CYS A 208 13.26 -10.65 2.60
CA CYS A 208 12.30 -10.39 3.67
C CYS A 208 11.76 -11.69 4.25
N LEU A 209 11.59 -12.69 3.40
CA LEU A 209 11.05 -13.96 3.82
C LEU A 209 12.11 -14.85 4.50
N LYS A 210 13.38 -14.52 4.29
CA LYS A 210 14.49 -15.39 4.63
C LYS A 210 15.41 -14.75 5.66
N GLU A 211 15.95 -13.58 5.33
CA GLU A 211 16.84 -12.82 6.23
C GLU A 211 16.04 -11.93 7.18
N TYR A 212 14.72 -11.86 7.01
CA TYR A 212 13.85 -10.98 7.82
C TYR A 212 14.29 -9.51 7.82
N LYS A 213 15.02 -9.11 6.78
CA LYS A 213 15.48 -7.75 6.62
C LYS A 213 14.61 -7.05 5.57
N PHE A 214 14.36 -5.77 5.77
CA PHE A 214 13.55 -5.02 4.82
C PHE A 214 14.28 -3.78 4.31
N TYR A 215 14.67 -3.84 3.04
CA TYR A 215 15.38 -2.76 2.38
C TYR A 215 14.41 -1.84 1.65
N TYR A 216 14.93 -0.76 1.09
CA TYR A 216 14.19 0.08 0.16
C TYR A 216 13.86 -0.69 -1.10
N ALA A 217 14.83 -1.49 -1.57
CA ALA A 217 14.63 -2.39 -2.70
C ALA A 217 13.47 -3.38 -2.46
N SER A 218 13.22 -3.72 -1.20
CA SER A 218 12.12 -4.61 -0.83
C SER A 218 10.76 -3.98 -1.14
N ASP A 219 10.63 -2.67 -1.00
CA ASP A 219 9.41 -1.98 -1.45
C ASP A 219 9.28 -2.01 -2.97
N VAL A 220 10.39 -2.07 -3.71
CA VAL A 220 10.29 -2.08 -5.19
C VAL A 220 9.73 -3.43 -5.67
N TRP A 221 10.19 -4.52 -5.09
CA TRP A 221 9.59 -5.84 -5.30
C TRP A 221 8.08 -5.79 -5.16
N SER A 222 7.62 -5.26 -4.02
CA SER A 222 6.18 -5.12 -3.75
C SER A 222 5.48 -4.30 -4.82
N PHE A 223 6.14 -3.27 -5.33
CA PHE A 223 5.57 -2.44 -6.40
C PHE A 223 5.36 -3.26 -7.66
N GLY A 224 6.28 -4.18 -7.92
CA GLY A 224 6.19 -5.07 -9.06
C GLY A 224 4.96 -5.93 -8.95
N VAL A 225 4.70 -6.44 -7.75
CA VAL A 225 3.47 -7.22 -7.52
C VAL A 225 2.24 -6.31 -7.61
N THR A 226 2.32 -5.09 -7.08
CA THR A 226 1.18 -4.19 -7.21
C THR A 226 0.93 -3.89 -8.70
N LEU A 227 1.99 -3.72 -9.47
CA LEU A 227 1.85 -3.47 -10.89
C LEU A 227 1.18 -4.66 -11.62
N TYR A 228 1.59 -5.87 -11.24
CA TYR A 228 0.94 -7.07 -11.72
C TYR A 228 -0.56 -7.08 -11.35
N GLU A 229 -0.88 -6.66 -10.11
CA GLU A 229 -2.26 -6.55 -9.66
C GLU A 229 -3.06 -5.63 -10.56
N LEU A 230 -2.48 -4.49 -10.92
CA LEU A 230 -3.15 -3.50 -11.78
C LEU A 230 -3.44 -4.10 -13.15
N LEU A 231 -2.40 -4.66 -13.78
CA LEU A 231 -2.55 -5.22 -15.12
C LEU A 231 -3.51 -6.42 -15.18
N THR A 232 -3.79 -7.06 -14.03
CA THR A 232 -4.83 -8.09 -13.97
C THR A 232 -6.17 -7.55 -13.46
N HIS A 233 -6.35 -6.25 -13.40
CA HIS A 233 -7.49 -5.59 -12.78
C HIS A 233 -7.92 -6.15 -11.49
N CYS A 234 -6.97 -6.63 -10.70
CA CYS A 234 -7.21 -7.23 -9.38
C CYS A 234 -8.25 -8.36 -9.40
N ASP A 235 -8.23 -9.16 -10.46
CA ASP A 235 -9.12 -10.30 -10.57
C ASP A 235 -8.68 -11.30 -9.54
N SER A 236 -9.63 -11.73 -8.70
CA SER A 236 -9.34 -12.56 -7.53
C SER A 236 -8.67 -13.88 -7.89
N SER A 237 -9.08 -14.46 -9.02
CA SER A 237 -8.50 -15.72 -9.49
C SER A 237 -7.05 -15.63 -9.97
N GLN A 238 -6.60 -14.42 -10.28
CA GLN A 238 -5.29 -14.15 -10.77
C GLN A 238 -4.38 -13.51 -9.72
N SER A 239 -4.86 -13.35 -8.53
CA SER A 239 -4.11 -12.69 -7.45
C SER A 239 -2.83 -13.47 -7.04
N PRO A 240 -1.84 -12.77 -6.46
CA PRO A 240 -0.60 -13.41 -6.01
C PRO A 240 -0.78 -14.57 -5.02
N PRO A 241 -1.61 -14.40 -3.97
CA PRO A 241 -1.80 -15.56 -3.08
C PRO A 241 -2.35 -16.75 -3.85
N THR A 242 -3.34 -16.52 -4.69
CA THR A 242 -3.95 -17.59 -5.46
C THR A 242 -2.92 -18.26 -6.36
N LYS A 243 -2.22 -17.46 -7.16
CA LYS A 243 -1.20 -18.00 -8.07
C LYS A 243 -0.06 -18.70 -7.34
N PHE A 244 0.50 -18.03 -6.34
CA PHE A 244 1.60 -18.63 -5.57
C PHE A 244 1.20 -19.89 -4.80
N LEU A 245 -0.04 -19.96 -4.30
CA LEU A 245 -0.49 -21.16 -3.58
C LEU A 245 -0.82 -22.32 -4.51
N GLU A 246 -1.22 -22.02 -5.76
CA GLU A 246 -1.29 -23.02 -6.82
C GLU A 246 0.06 -23.65 -7.12
N LEU A 247 1.14 -22.87 -7.06
CA LEU A 247 2.48 -23.39 -7.33
C LEU A 247 3.00 -24.14 -6.12
N ILE A 248 2.69 -23.62 -4.95
CA ILE A 248 3.16 -24.16 -3.67
C ILE A 248 2.33 -25.35 -3.20
N GLY A 249 1.02 -25.30 -3.46
CA GLY A 249 0.10 -26.31 -2.97
C GLY A 249 -0.19 -26.09 -1.51
N ILE A 250 -1.30 -26.62 -1.03
CA ILE A 250 -1.73 -26.41 0.36
C ILE A 250 -1.55 -27.67 1.21
N ALA A 251 -0.86 -28.67 0.68
CA ALA A 251 -0.68 -29.95 1.37
C ALA A 251 0.20 -29.81 2.62
N GLN A 252 1.05 -28.79 2.65
CA GLN A 252 1.88 -28.52 3.83
C GLN A 252 1.89 -27.04 4.17
N GLY A 253 0.81 -26.56 4.79
CA GLY A 253 0.71 -25.20 5.28
C GLY A 253 1.86 -24.76 6.18
N GLN A 254 2.38 -25.69 6.99
CA GLN A 254 3.54 -25.44 7.83
C GLN A 254 4.72 -24.83 7.02
N MET A 255 4.81 -25.18 5.75
CA MET A 255 5.97 -24.82 4.93
C MET A 255 5.69 -23.87 3.76
N THR A 256 4.63 -23.07 3.88
CA THR A 256 4.26 -22.08 2.87
C THR A 256 5.37 -21.07 2.57
N VAL A 257 5.94 -20.47 3.60
CA VAL A 257 6.96 -19.42 3.43
C VAL A 257 8.24 -20.02 2.84
N LEU A 258 8.72 -21.09 3.47
CA LEU A 258 9.86 -21.88 2.99
C LEU A 258 9.74 -22.24 1.50
N ARG A 259 8.56 -22.65 1.10
CA ARG A 259 8.29 -23.11 -0.20
C ARG A 259 8.15 -22.02 -1.24
N LEU A 260 7.63 -20.91 -0.80
CA LEU A 260 7.56 -19.67 -1.58
C LEU A 260 8.96 -19.11 -1.83
N THR A 261 9.80 -19.15 -0.81
CA THR A 261 11.18 -18.67 -0.92
C THR A 261 11.98 -19.49 -1.92
N GLU A 262 11.75 -20.80 -1.94
CA GLU A 262 12.49 -21.70 -2.81
C GLU A 262 12.03 -21.53 -4.26
N LEU A 263 10.73 -21.37 -4.47
CA LEU A 263 10.22 -21.17 -5.82
C LEU A 263 10.75 -19.84 -6.37
N LEU A 264 10.78 -18.81 -5.54
CA LEU A 264 11.33 -17.53 -5.96
C LEU A 264 12.82 -17.63 -6.28
N GLU A 265 13.60 -18.22 -5.39
CA GLU A 265 15.05 -18.41 -5.63
C GLU A 265 15.33 -19.32 -6.83
N ARG A 266 14.45 -20.24 -7.15
CA ARG A 266 14.45 -20.90 -8.40
C ARG A 266 14.20 -20.06 -9.63
N GLY A 267 13.76 -18.85 -9.45
CA GLY A 267 13.52 -17.91 -10.54
C GLY A 267 12.10 -17.92 -11.10
N GLU A 268 11.23 -18.75 -10.54
CA GLU A 268 9.81 -18.71 -10.90
C GLU A 268 9.16 -17.41 -10.44
N ARG A 269 8.32 -16.86 -11.30
CA ARG A 269 7.71 -15.56 -11.08
C ARG A 269 6.24 -15.64 -11.41
N LEU A 270 5.52 -14.59 -11.04
CA LEU A 270 4.14 -14.41 -11.45
C LEU A 270 4.14 -14.22 -12.97
N PRO A 271 3.16 -14.84 -13.66
CA PRO A 271 3.11 -14.87 -15.12
C PRO A 271 2.73 -13.53 -15.73
N ARG A 272 2.80 -13.47 -17.06
CA ARG A 272 2.43 -12.27 -17.79
C ARG A 272 0.91 -12.11 -17.76
N PRO A 273 0.40 -10.96 -17.28
CA PRO A 273 -1.03 -10.71 -17.40
C PRO A 273 -1.45 -10.49 -18.86
N ASP A 274 -2.61 -11.04 -19.22
CA ASP A 274 -3.22 -10.86 -20.54
C ASP A 274 -3.07 -9.43 -21.03
N LYS A 275 -2.64 -9.31 -22.29
CA LYS A 275 -2.40 -8.02 -22.97
C LYS A 275 -1.50 -7.04 -22.21
N CYS A 276 -0.61 -7.58 -21.37
CA CYS A 276 0.43 -6.74 -20.79
C CYS A 276 1.52 -6.59 -21.84
N PRO A 277 1.86 -5.36 -22.24
CA PRO A 277 2.96 -5.19 -23.18
C PRO A 277 4.25 -5.86 -22.70
N ALA A 278 4.95 -6.49 -23.63
CA ALA A 278 6.18 -7.23 -23.34
C ALA A 278 7.17 -6.39 -22.51
N GLU A 279 7.36 -5.14 -22.89
CA GLU A 279 8.30 -4.26 -22.19
C GLU A 279 7.89 -3.90 -20.76
N VAL A 280 6.59 -3.92 -20.47
CA VAL A 280 6.14 -3.59 -19.13
C VAL A 280 6.37 -4.80 -18.19
N TYR A 281 6.19 -6.00 -18.73
CA TYR A 281 6.48 -7.21 -17.95
C TYR A 281 7.97 -7.37 -17.66
N HIS A 282 8.80 -6.90 -18.59
CA HIS A 282 10.20 -6.74 -18.42
C HIS A 282 10.59 -5.88 -17.24
N LEU A 283 9.90 -4.80 -17.05
CA LEU A 283 10.15 -3.87 -15.96
C LEU A 283 9.68 -4.49 -14.66
N MET A 284 8.51 -5.07 -14.64
CA MET A 284 7.99 -5.92 -13.62
C MET A 284 8.94 -6.99 -13.10
N LYS A 285 9.55 -7.71 -13.99
CA LYS A 285 10.56 -8.73 -13.68
C LYS A 285 11.85 -8.13 -13.12
N ASN A 286 12.20 -6.97 -13.55
CA ASN A 286 13.31 -6.25 -13.06
C ASN A 286 13.12 -5.73 -11.61
N CYS A 287 11.94 -5.32 -11.28
CA CYS A 287 11.56 -5.12 -9.89
C CYS A 287 11.62 -6.41 -9.06
N TRP A 288 11.47 -7.57 -9.72
CA TRP A 288 11.58 -8.89 -9.05
C TRP A 288 12.95 -9.57 -9.11
N GLU A 289 13.99 -8.84 -9.36
CA GLU A 289 15.29 -9.42 -9.21
C GLU A 289 15.57 -9.99 -7.89
N THR A 290 16.06 -11.18 -7.86
CA THR A 290 16.35 -11.87 -6.67
C THR A 290 17.35 -11.13 -5.81
N GLU A 291 18.51 -10.86 -6.37
CA GLU A 291 19.39 -9.83 -5.97
C GLU A 291 18.84 -8.43 -5.86
N ALA A 292 18.71 -7.94 -4.62
CA ALA A 292 18.07 -6.64 -4.38
C ALA A 292 18.75 -5.48 -5.08
N SER A 293 20.06 -5.42 -4.99
CA SER A 293 20.82 -4.31 -5.56
C SER A 293 20.63 -4.19 -7.06
N PHE A 294 20.22 -5.28 -7.74
CA PHE A 294 19.93 -5.23 -9.19
C PHE A 294 18.55 -4.62 -9.53
N ARG A 295 17.74 -4.30 -8.52
CA ARG A 295 16.44 -3.69 -8.78
C ARG A 295 16.61 -2.18 -9.00
N PRO A 296 15.69 -1.57 -9.76
CA PRO A 296 15.65 -0.14 -9.87
C PRO A 296 15.11 0.47 -8.60
N THR A 297 15.58 1.68 -8.28
CA THR A 297 14.95 2.48 -7.24
C THR A 297 13.65 3.03 -7.78
N PHE A 298 12.81 3.55 -6.90
CA PHE A 298 11.60 4.23 -7.35
C PHE A 298 11.96 5.47 -8.16
N GLU A 299 13.04 6.14 -7.77
CA GLU A 299 13.59 7.26 -8.53
C GLU A 299 13.89 6.89 -9.97
N ASN A 300 14.49 5.72 -10.18
CA ASN A 300 14.73 5.22 -11.52
C ASN A 300 13.44 4.99 -12.30
N LEU A 301 12.38 4.54 -11.63
CA LEU A 301 11.18 4.13 -12.34
C LEU A 301 10.36 5.31 -12.85
N ILE A 302 10.42 6.44 -12.15
CA ILE A 302 9.55 7.57 -12.47
C ILE A 302 9.69 7.98 -13.94
N PRO A 303 10.92 8.29 -14.42
CA PRO A 303 11.17 8.57 -15.85
C PRO A 303 10.77 7.47 -16.82
N ILE A 304 11.03 6.22 -16.46
CA ILE A 304 10.73 5.10 -17.34
C ILE A 304 9.23 4.97 -17.50
N LEU A 305 8.52 5.07 -16.39
CA LEU A 305 7.06 4.88 -16.38
C LEU A 305 6.34 6.00 -17.13
N LYS A 306 6.78 7.25 -16.95
CA LYS A 306 6.09 8.37 -17.56
C LYS A 306 6.34 8.40 -19.06
N THR A 307 7.46 7.84 -19.49
CA THR A 307 7.75 7.69 -20.91
C THR A 307 6.92 6.58 -21.51
N VAL A 308 6.80 5.45 -20.82
CA VAL A 308 5.94 4.36 -21.27
C VAL A 308 4.46 4.76 -21.20
N HIS A 309 4.09 5.54 -20.19
CA HIS A 309 2.75 6.08 -20.12
C HIS A 309 2.44 6.92 -21.37
N GLU A 310 3.28 7.92 -21.63
CA GLU A 310 3.11 8.79 -22.78
C GLU A 310 2.87 7.98 -24.03
N LYS A 311 3.77 7.02 -24.24
CA LYS A 311 3.70 6.11 -25.38
C LYS A 311 2.31 5.51 -25.60
N TYR A 312 1.63 5.10 -24.54
CA TYR A 312 0.41 4.27 -24.70
C TYR A 312 -0.92 5.02 -24.83
N GLN A 313 -0.92 6.34 -24.74
CA GLN A 313 -2.08 7.12 -25.17
C GLN A 313 -2.15 7.24 -26.68
N GLY A 314 -1.05 7.72 -27.28
CA GLY A 314 -1.00 8.02 -28.72
C GLY A 314 -0.43 6.90 -29.59
C1 MI1 B . -8.84 2.74 3.23
C2 MI1 B . -9.09 1.39 3.86
C4 MI1 B . -6.63 0.87 3.78
C5 MI1 B . -6.37 2.24 3.19
C6 MI1 B . -7.55 2.72 2.40
N3 MI1 B . -7.91 0.87 4.47
O21 MI1 B . -9.15 0.17 6.20
C20 MI1 B . -8.05 0.35 5.72
C22 MI1 B . -6.75 0.07 6.42
C23 MI1 B . -7.00 -0.16 7.85
N24 MI1 B . -7.26 -0.35 8.98
C7 MI1 B . -7.66 1.93 1.10
N8 MI1 B . -9.96 3.03 2.34
C9 MI1 B . -10.96 1.95 1.67
C10 MI1 B . -10.34 4.38 2.22
C15 MI1 B . -9.67 5.48 2.71
C16 MI1 B . -8.49 5.72 3.47
C11 MI1 B . -8.36 7.08 3.64
N12 MI1 B . -9.40 7.69 3.00
C14 MI1 B . -10.20 6.74 2.44
N17 MI1 B . -11.30 7.00 1.75
C18 MI1 B . -11.87 5.87 1.33
N19 MI1 B . -11.46 4.62 1.52
#